data_7TX6
#
_entry.id   7TX6
#
_cell.length_a   1.00
_cell.length_b   1.00
_cell.length_c   1.00
_cell.angle_alpha   90.00
_cell.angle_beta   90.00
_cell.angle_gamma   90.00
#
_symmetry.space_group_name_H-M   'P 1'
#
loop_
_entity.id
_entity.type
_entity.pdbx_description
1 polymer 'Reduced folate transporter,Soluble cytochrome b562'
2 non-polymer METHOTREXATE
3 non-polymer Digitonin
#
_entity_poly.entity_id   1
_entity_poly.type   'polypeptide(L)'
_entity_poly.pdbx_seq_one_letter_code
;MVPSSPAVEKQVPVEPGPDPELRSWRHLVCYLCFYGFMAQIRPGESFITPYLLGPDKNFTREQVTNEITPVLSYSYLAVL
VPVFLLTDYLRYTPVLLLQGLSFVSVWLLLLLGHSVAHMQLMELFYSVTMAARIAYSSYIFSLVRPARYQRVAGYSRAAV
LLGVFTSSVLGQLLVTVGRVSFSTLNYISLAFLTFSVVLALFLKRPKRSLFFNRDLEDNWETLNDNLKVIEKADNAAQVK
DALTKMRAAALDAQKATPPKLEDKSPDSPEMKDFRHGFDILVGQIDDALKLANEGKVKEAQAAAEQLKTTRNAYIQKYLL
RVACGDSVLARMLRELGDSLRRPQLRLWSLWWVFNSAGYYLVVYYVHILWNEVDPTTNSARVYNGAADAASTLLGAITSF
AAGFVKIRWARWSKLLIAGVTATQAGLVFLLAHTRHPSSIWLCYAAFVLFRGSYQFLVPIATFQIASSLSKELCALVFGV
NTFFATIVKTIITFIVSDVRGLGLPVRKQFQLYSVYFLILSIIYFLGAMLDGLRHCQRGHHPRQPPAQGLRSAAEEKAAQ
ALSVQDKGLGGLQPAQSPPLSPEDSLGAVGPASLEQRQSDPYLAQAPAPQAAEFLSPVTTPSPCTLCSAQASGPEAADET
CPQLAVHPPGVSKLGLQCLPSDGVQNVNQANSLEVLFQ
;
_entity_poly.pdbx_strand_id   A
#
# COMPACT_ATOMS: atom_id res chain seq x y z
N ARG A 23 -13.57 -20.91 26.45
CA ARG A 23 -14.42 -21.81 25.68
C ARG A 23 -15.16 -21.05 24.60
N SER A 24 -16.12 -20.23 25.01
CA SER A 24 -16.90 -19.45 24.05
C SER A 24 -16.01 -18.49 23.28
N TRP A 25 -15.07 -17.85 23.99
CA TRP A 25 -14.19 -16.87 23.35
C TRP A 25 -13.41 -17.45 22.19
N ARG A 26 -13.19 -18.78 22.19
CA ARG A 26 -12.48 -19.42 21.08
C ARG A 26 -13.22 -19.19 19.76
N HIS A 27 -14.54 -19.27 19.80
CA HIS A 27 -15.30 -19.07 18.57
C HIS A 27 -14.99 -17.73 17.94
N LEU A 28 -15.09 -16.65 18.72
CA LEU A 28 -14.86 -15.32 18.17
C LEU A 28 -13.41 -15.12 17.76
N VAL A 29 -12.47 -15.59 18.59
CA VAL A 29 -11.06 -15.34 18.28
C VAL A 29 -10.66 -16.08 17.01
N CYS A 30 -11.22 -17.25 16.75
CA CYS A 30 -10.92 -17.94 15.50
C CYS A 30 -11.67 -17.31 14.33
N TYR A 31 -12.91 -16.87 14.57
CA TYR A 31 -13.73 -16.34 13.49
C TYR A 31 -13.15 -15.06 12.93
N LEU A 32 -12.61 -14.20 13.78
CA LEU A 32 -12.01 -12.96 13.28
C LEU A 32 -10.86 -13.26 12.33
N CYS A 33 -9.96 -14.16 12.73
CA CYS A 33 -8.82 -14.51 11.88
C CYS A 33 -9.29 -15.15 10.59
N PHE A 34 -10.27 -16.05 10.67
CA PHE A 34 -10.79 -16.68 9.46
C PHE A 34 -11.33 -15.62 8.50
N TYR A 35 -12.11 -14.67 9.03
CA TYR A 35 -12.66 -13.63 8.16
C TYR A 35 -11.56 -12.83 7.50
N GLY A 36 -10.57 -12.41 8.27
CA GLY A 36 -9.49 -11.63 7.69
C GLY A 36 -8.79 -12.37 6.57
N PHE A 37 -8.43 -13.62 6.84
CA PHE A 37 -7.73 -14.41 5.84
C PHE A 37 -8.57 -14.57 4.57
N MET A 38 -9.84 -14.90 4.74
CA MET A 38 -10.69 -15.12 3.58
C MET A 38 -10.87 -13.83 2.79
N ALA A 39 -11.03 -12.70 3.49
CA ALA A 39 -11.26 -11.43 2.81
C ALA A 39 -10.03 -10.99 2.02
N GLN A 40 -8.84 -11.30 2.52
CA GLN A 40 -7.64 -10.86 1.80
C GLN A 40 -7.50 -11.52 0.44
N ILE A 41 -8.25 -12.58 0.15
CA ILE A 41 -8.11 -13.28 -1.12
C ILE A 41 -8.62 -12.39 -2.26
N ARG A 42 -7.80 -12.23 -3.29
CA ARG A 42 -8.17 -11.49 -4.50
C ARG A 42 -7.30 -11.98 -5.65
N PRO A 43 -7.71 -13.04 -6.34
CA PRO A 43 -6.82 -13.66 -7.33
C PRO A 43 -6.35 -12.71 -8.43
N GLY A 44 -7.22 -11.78 -8.84
CA GLY A 44 -6.86 -10.87 -9.91
C GLY A 44 -6.37 -9.47 -9.60
N GLU A 45 -6.12 -9.15 -8.33
CA GLU A 45 -5.65 -7.82 -8.00
C GLU A 45 -4.29 -7.54 -8.63
N SER A 46 -3.38 -8.52 -8.59
CA SER A 46 -2.00 -8.36 -9.12
C SER A 46 -2.01 -8.39 -10.65
N PHE A 47 -3.05 -8.93 -11.28
CA PHE A 47 -3.17 -9.06 -12.75
C PHE A 47 -4.15 -8.02 -13.31
N ILE A 48 -4.49 -6.99 -12.53
CA ILE A 48 -5.43 -5.93 -12.99
C ILE A 48 -4.84 -5.18 -14.19
N THR A 49 -3.56 -4.78 -14.16
CA THR A 49 -2.94 -3.96 -15.24
C THR A 49 -2.77 -4.76 -16.55
N PRO A 50 -2.28 -6.02 -16.58
CA PRO A 50 -2.22 -6.80 -17.82
C PRO A 50 -3.58 -7.01 -18.49
N TYR A 51 -4.66 -7.18 -17.71
CA TYR A 51 -6.04 -7.40 -18.24
C TYR A 51 -6.56 -6.14 -18.94
N LEU A 52 -6.25 -4.95 -18.41
CA LEU A 52 -6.66 -3.66 -19.05
C LEU A 52 -6.05 -3.59 -20.45
N LEU A 53 -4.78 -3.98 -20.62
CA LEU A 53 -4.04 -3.86 -21.90
C LEU A 53 -4.13 -5.18 -22.67
N GLY A 54 -4.96 -6.13 -22.23
CA GLY A 54 -5.12 -7.45 -22.88
C GLY A 54 -5.88 -7.33 -24.19
N PRO A 55 -5.87 -8.34 -25.08
CA PRO A 55 -6.53 -8.24 -26.38
C PRO A 55 -8.02 -7.85 -26.33
N ASP A 56 -8.75 -8.22 -25.27
CA ASP A 56 -10.19 -7.97 -25.19
C ASP A 56 -10.49 -6.48 -25.19
N LYS A 57 -9.66 -5.69 -24.53
CA LYS A 57 -9.94 -4.27 -24.30
C LYS A 57 -8.97 -3.44 -25.14
N ASN A 58 -9.53 -2.48 -25.88
CA ASN A 58 -8.74 -1.61 -26.76
C ASN A 58 -8.26 -0.39 -25.97
N PHE A 59 -7.27 -0.64 -25.12
CA PHE A 59 -6.67 0.39 -24.26
C PHE A 59 -5.20 0.54 -24.62
N THR A 60 -4.79 1.76 -24.96
CA THR A 60 -3.40 2.06 -25.25
C THR A 60 -2.66 2.40 -23.96
N ARG A 61 -1.33 2.27 -24.00
CA ARG A 61 -0.53 2.52 -22.81
C ARG A 61 -0.67 3.97 -22.35
N GLU A 62 -0.69 4.91 -23.29
CA GLU A 62 -0.80 6.31 -22.91
C GLU A 62 -2.10 6.58 -22.17
N GLN A 63 -3.16 5.84 -22.47
CA GLN A 63 -4.44 6.08 -21.81
C GLN A 63 -4.45 5.45 -20.41
N VAL A 64 -3.83 4.30 -20.28
CA VAL A 64 -3.74 3.63 -19.00
C VAL A 64 -2.95 4.44 -17.97
N THR A 65 -1.87 5.08 -18.41
CA THR A 65 -1.06 5.86 -17.47
C THR A 65 -1.41 7.35 -17.38
N ASN A 66 -2.11 7.92 -18.37
CA ASN A 66 -2.45 9.33 -18.29
C ASN A 66 -3.88 9.57 -17.82
N GLU A 67 -4.83 8.74 -18.24
CA GLU A 67 -6.26 8.93 -17.87
C GLU A 67 -6.58 8.05 -16.65
N ILE A 68 -6.55 6.73 -16.80
CA ILE A 68 -7.02 5.80 -15.72
C ILE A 68 -6.16 5.87 -14.45
N THR A 69 -4.82 5.79 -14.53
CA THR A 69 -3.97 5.70 -13.29
C THR A 69 -4.08 6.99 -12.47
N PRO A 70 -4.04 8.21 -13.04
CA PRO A 70 -4.22 9.46 -12.27
C PRO A 70 -5.59 9.68 -11.62
N VAL A 71 -6.67 9.09 -12.13
CA VAL A 71 -8.03 9.23 -11.52
C VAL A 71 -8.03 8.60 -10.13
N LEU A 72 -7.26 7.54 -9.88
CA LEU A 72 -7.23 6.82 -8.62
C LEU A 72 -6.58 7.68 -7.53
N SER A 73 -5.48 8.34 -7.87
CA SER A 73 -4.80 9.18 -6.90
C SER A 73 -5.64 10.37 -6.46
N TYR A 74 -6.32 11.01 -7.41
CA TYR A 74 -7.17 12.15 -7.09
C TYR A 74 -8.32 11.72 -6.21
N SER A 75 -8.89 10.57 -6.56
CA SER A 75 -10.01 9.99 -5.82
C SER A 75 -9.61 9.66 -4.40
N TYR A 76 -8.40 9.13 -4.24
CA TYR A 76 -7.92 8.76 -2.92
C TYR A 76 -7.82 10.00 -2.03
N LEU A 77 -7.33 11.09 -2.60
CA LEU A 77 -7.22 12.34 -1.86
C LEU A 77 -8.60 12.86 -1.48
N ALA A 78 -9.56 12.70 -2.38
CA ALA A 78 -10.89 13.22 -2.09
C ALA A 78 -11.65 12.35 -1.10
N VAL A 79 -11.29 11.07 -0.97
CA VAL A 79 -12.10 10.11 -0.24
C VAL A 79 -11.51 9.80 1.13
N LEU A 80 -10.20 10.01 1.30
CA LEU A 80 -9.55 9.54 2.51
C LEU A 80 -10.15 10.17 3.76
N VAL A 81 -10.39 11.47 3.74
CA VAL A 81 -10.78 12.17 4.97
C VAL A 81 -12.18 11.75 5.38
N PRO A 82 -13.18 11.85 4.52
CA PRO A 82 -14.54 11.47 4.95
C PRO A 82 -14.63 10.02 5.38
N VAL A 83 -13.87 9.12 4.75
CA VAL A 83 -13.90 7.72 5.14
C VAL A 83 -13.46 7.56 6.60
N PHE A 84 -12.31 8.16 6.93
CA PHE A 84 -11.80 8.04 8.29
C PHE A 84 -12.71 8.73 9.29
N LEU A 85 -13.26 9.88 8.93
CA LEU A 85 -14.12 10.61 9.85
C LEU A 85 -15.43 9.85 10.10
N LEU A 86 -15.94 9.17 9.08
CA LEU A 86 -17.20 8.44 9.22
C LEU A 86 -17.01 7.07 9.86
N THR A 87 -15.82 6.47 9.74
CA THR A 87 -15.60 5.16 10.32
C THR A 87 -15.94 5.15 11.80
N ASP A 88 -15.63 6.24 12.50
CA ASP A 88 -15.88 6.28 13.94
C ASP A 88 -17.37 6.43 14.24
N TYR A 89 -18.05 7.35 13.54
CA TYR A 89 -19.46 7.61 13.85
C TYR A 89 -20.28 6.35 13.69
N LEU A 90 -20.19 5.73 12.51
CA LEU A 90 -20.75 4.40 12.36
C LEU A 90 -19.89 3.40 13.14
N ARG A 91 -20.54 2.36 13.63
CA ARG A 91 -19.77 1.24 14.15
C ARG A 91 -18.84 0.74 13.05
N TYR A 92 -17.72 0.14 13.45
CA TYR A 92 -16.72 -0.25 12.46
C TYR A 92 -17.26 -1.27 11.47
N THR A 93 -18.20 -2.11 11.90
CA THR A 93 -18.74 -3.12 11.00
C THR A 93 -19.38 -2.53 9.76
N PRO A 94 -20.21 -1.49 9.85
CA PRO A 94 -20.74 -0.88 8.63
C PRO A 94 -19.66 -0.47 7.64
N VAL A 95 -18.56 0.12 8.12
CA VAL A 95 -17.52 0.56 7.21
C VAL A 95 -16.79 -0.63 6.60
N LEU A 96 -16.54 -1.67 7.39
CA LEU A 96 -15.93 -2.86 6.83
C LEU A 96 -16.81 -3.48 5.76
N LEU A 97 -18.13 -3.52 6.01
CA LEU A 97 -19.06 -4.00 5.00
C LEU A 97 -19.01 -3.13 3.75
N LEU A 98 -18.94 -1.81 3.94
CA LEU A 98 -18.86 -0.91 2.80
C LEU A 98 -17.62 -1.19 1.97
N GLN A 99 -16.49 -1.43 2.63
CA GLN A 99 -15.27 -1.76 1.90
C GLN A 99 -15.44 -3.08 1.14
N GLY A 100 -16.02 -4.08 1.79
CA GLY A 100 -16.19 -5.36 1.13
C GLY A 100 -17.08 -5.27 -0.09
N LEU A 101 -18.13 -4.45 -0.02
CA LEU A 101 -19.03 -4.27 -1.14
C LEU A 101 -18.42 -3.37 -2.22
N SER A 102 -17.60 -2.41 -1.81
CA SER A 102 -16.93 -1.56 -2.79
C SER A 102 -15.94 -2.36 -3.62
N PHE A 103 -15.28 -3.35 -3.02
CA PHE A 103 -14.45 -4.23 -3.83
C PHE A 103 -15.28 -4.94 -4.88
N VAL A 104 -16.47 -5.41 -4.51
CA VAL A 104 -17.34 -6.07 -5.47
C VAL A 104 -17.72 -5.11 -6.60
N SER A 105 -18.03 -3.87 -6.24
CA SER A 105 -18.34 -2.87 -7.27
C SER A 105 -17.16 -2.64 -8.20
N VAL A 106 -15.95 -2.57 -7.63
CA VAL A 106 -14.76 -2.39 -8.45
C VAL A 106 -14.63 -3.52 -9.45
N TRP A 107 -14.77 -4.75 -8.99
CA TRP A 107 -14.56 -5.88 -9.88
C TRP A 107 -15.68 -5.96 -10.92
N LEU A 108 -16.90 -5.60 -10.55
CA LEU A 108 -17.98 -5.58 -11.53
C LEU A 108 -17.69 -4.56 -12.62
N LEU A 109 -17.23 -3.36 -12.23
CA LEU A 109 -16.89 -2.35 -13.22
C LEU A 109 -15.76 -2.83 -14.13
N LEU A 110 -14.74 -3.45 -13.55
CA LEU A 110 -13.64 -3.96 -14.35
C LEU A 110 -14.13 -5.02 -15.33
N LEU A 111 -15.02 -5.90 -14.88
CA LEU A 111 -15.53 -6.95 -15.74
C LEU A 111 -16.35 -6.37 -16.90
N LEU A 112 -17.15 -5.35 -16.63
CA LEU A 112 -18.03 -4.77 -17.64
C LEU A 112 -17.53 -3.41 -18.14
N GLY A 113 -16.28 -3.07 -17.89
CA GLY A 113 -15.71 -1.84 -18.40
C GLY A 113 -15.77 -1.77 -19.92
N HIS A 114 -16.19 -0.63 -20.46
CA HIS A 114 -16.39 -0.48 -21.89
C HIS A 114 -15.61 0.66 -22.53
N SER A 115 -15.10 1.60 -21.73
CA SER A 115 -14.37 2.74 -22.26
C SER A 115 -13.58 3.38 -21.12
N VAL A 116 -13.05 4.57 -21.36
CA VAL A 116 -12.20 5.21 -20.37
C VAL A 116 -13.02 5.66 -19.16
N ALA A 117 -14.22 6.18 -19.39
CA ALA A 117 -15.03 6.68 -18.27
C ALA A 117 -15.36 5.58 -17.28
N HIS A 118 -15.74 4.41 -17.78
CA HIS A 118 -16.06 3.31 -16.89
C HIS A 118 -14.86 2.91 -16.04
N MET A 119 -13.67 2.87 -16.65
CA MET A 119 -12.49 2.55 -15.88
C MET A 119 -12.14 3.65 -14.89
N GLN A 120 -12.49 4.90 -15.20
CA GLN A 120 -12.32 5.97 -14.22
C GLN A 120 -13.21 5.74 -13.00
N LEU A 121 -14.46 5.37 -13.26
CA LEU A 121 -15.41 5.10 -12.19
C LEU A 121 -14.83 3.97 -11.36
N MET A 122 -14.23 3.00 -12.04
CA MET A 122 -13.63 1.86 -11.37
C MET A 122 -12.49 2.32 -10.47
N GLU A 123 -11.69 3.26 -10.97
CA GLU A 123 -10.60 3.81 -10.19
C GLU A 123 -11.13 4.55 -8.97
N LEU A 124 -12.22 5.30 -9.16
CA LEU A 124 -12.80 6.05 -8.06
C LEU A 124 -13.27 5.12 -6.96
N PHE A 125 -13.94 4.05 -7.37
CA PHE A 125 -14.42 3.05 -6.43
C PHE A 125 -13.25 2.34 -5.75
N TYR A 126 -12.18 2.09 -6.51
CA TYR A 126 -11.01 1.41 -5.95
C TYR A 126 -10.40 2.26 -4.85
N SER A 127 -10.32 3.57 -5.08
CA SER A 127 -9.77 4.45 -4.07
C SER A 127 -10.61 4.32 -2.82
N VAL A 128 -11.92 4.22 -2.98
CA VAL A 128 -12.81 4.09 -1.84
C VAL A 128 -12.46 2.85 -1.03
N THR A 129 -12.19 1.73 -1.68
CA THR A 129 -11.83 0.53 -0.93
C THR A 129 -10.51 0.75 -0.21
N MET A 130 -9.60 1.45 -0.88
CA MET A 130 -8.26 1.72 -0.38
C MET A 130 -8.28 2.56 0.90
N ALA A 131 -9.17 3.54 0.94
CA ALA A 131 -9.30 4.45 2.07
C ALA A 131 -9.70 3.74 3.37
N ALA A 132 -10.58 2.75 3.25
CA ALA A 132 -11.10 2.01 4.41
C ALA A 132 -10.27 0.80 4.87
N ARG A 133 -9.14 0.54 4.21
CA ARG A 133 -8.29 -0.59 4.56
C ARG A 133 -7.77 -0.52 5.99
N ILE A 134 -7.41 0.68 6.44
CA ILE A 134 -6.87 0.87 7.79
C ILE A 134 -7.87 0.68 8.94
N ALA A 135 -9.16 0.76 8.65
CA ALA A 135 -10.19 0.61 9.67
C ALA A 135 -10.12 -0.75 10.36
N TYR A 136 -9.65 -1.78 9.65
CA TYR A 136 -9.73 -3.13 10.20
C TYR A 136 -8.96 -3.25 11.50
N SER A 137 -7.74 -2.70 11.55
CA SER A 137 -6.95 -2.79 12.78
C SER A 137 -7.65 -2.08 13.93
N SER A 138 -8.23 -0.92 13.66
CA SER A 138 -8.92 -0.18 14.71
C SER A 138 -10.11 -0.96 15.23
N TYR A 139 -10.84 -1.63 14.33
CA TYR A 139 -11.93 -2.49 14.77
C TYR A 139 -11.42 -3.62 15.64
N ILE A 140 -10.33 -4.27 15.22
CA ILE A 140 -9.75 -5.34 16.02
C ILE A 140 -9.45 -4.83 17.42
N PHE A 141 -8.85 -3.65 17.51
CA PHE A 141 -8.48 -3.12 18.82
C PHE A 141 -9.73 -2.78 19.65
N SER A 142 -10.74 -2.20 19.02
CA SER A 142 -11.91 -1.77 19.79
C SER A 142 -12.70 -2.95 20.32
N LEU A 143 -12.80 -4.03 19.54
CA LEU A 143 -13.67 -5.13 19.93
C LEU A 143 -13.00 -6.08 20.93
N VAL A 144 -11.79 -6.54 20.62
CA VAL A 144 -11.14 -7.52 21.48
C VAL A 144 -10.90 -6.91 22.86
N ARG A 145 -11.14 -7.69 23.90
CA ARG A 145 -10.98 -7.20 25.25
C ARG A 145 -9.54 -6.74 25.46
N PRO A 146 -9.31 -5.65 26.19
CA PRO A 146 -7.93 -5.16 26.36
C PRO A 146 -7.02 -6.17 27.05
N ALA A 147 -7.57 -7.03 27.90
CA ALA A 147 -6.72 -7.95 28.67
C ALA A 147 -5.92 -8.87 27.76
N ARG A 148 -6.57 -9.40 26.72
CA ARG A 148 -5.94 -10.35 25.81
C ARG A 148 -5.67 -9.73 24.44
N TYR A 149 -5.36 -8.42 24.41
CA TYR A 149 -5.28 -7.71 23.14
C TYR A 149 -4.05 -8.08 22.34
N GLN A 150 -2.89 -8.17 23.00
CA GLN A 150 -1.63 -8.29 22.25
C GLN A 150 -1.59 -9.60 21.47
N ARG A 151 -1.89 -10.72 22.13
CA ARG A 151 -1.81 -12.02 21.46
C ARG A 151 -2.83 -12.09 20.32
N VAL A 152 -4.04 -11.58 20.54
CA VAL A 152 -5.06 -11.60 19.50
C VAL A 152 -4.63 -10.75 18.32
N ALA A 153 -4.06 -9.58 18.57
CA ALA A 153 -3.62 -8.71 17.49
C ALA A 153 -2.50 -9.37 16.70
N GLY A 154 -1.58 -10.03 17.39
CA GLY A 154 -0.54 -10.76 16.68
C GLY A 154 -1.11 -11.84 15.79
N TYR A 155 -2.06 -12.62 16.31
CA TYR A 155 -2.71 -13.64 15.50
C TYR A 155 -3.37 -13.01 14.28
N SER A 156 -4.07 -11.89 14.48
CA SER A 156 -4.78 -11.26 13.37
C SER A 156 -3.82 -10.76 12.30
N ARG A 157 -2.73 -10.12 12.72
CA ARG A 157 -1.73 -9.67 11.75
C ARG A 157 -1.16 -10.85 10.98
N ALA A 158 -0.85 -11.94 11.68
CA ALA A 158 -0.34 -13.12 10.99
C ALA A 158 -1.35 -13.64 9.98
N ALA A 159 -2.62 -13.70 10.37
CA ALA A 159 -3.64 -14.23 9.47
C ALA A 159 -3.78 -13.37 8.24
N VAL A 160 -3.84 -12.04 8.42
CA VAL A 160 -4.02 -11.16 7.27
C VAL A 160 -2.81 -11.21 6.36
N LEU A 161 -1.60 -11.26 6.94
CA LEU A 161 -0.41 -11.34 6.11
C LEU A 161 -0.38 -12.65 5.33
N LEU A 162 -0.75 -13.76 5.96
CA LEU A 162 -0.80 -15.03 5.24
C LEU A 162 -1.83 -14.99 4.13
N GLY A 163 -2.98 -14.37 4.39
CA GLY A 163 -3.98 -14.25 3.35
C GLY A 163 -3.47 -13.44 2.17
N VAL A 164 -2.80 -12.32 2.44
CA VAL A 164 -2.25 -11.51 1.36
C VAL A 164 -1.22 -12.31 0.57
N PHE A 165 -0.36 -13.04 1.28
CA PHE A 165 0.68 -13.81 0.59
C PHE A 165 0.07 -14.89 -0.28
N THR A 166 -0.96 -15.58 0.21
CA THR A 166 -1.55 -16.68 -0.55
C THR A 166 -2.44 -16.20 -1.68
N SER A 167 -3.02 -15.01 -1.57
CA SER A 167 -3.88 -14.52 -2.65
C SER A 167 -3.12 -14.43 -3.96
N SER A 168 -1.98 -13.74 -3.95
CA SER A 168 -1.20 -13.59 -5.17
C SER A 168 -0.66 -14.93 -5.65
N VAL A 169 -0.22 -15.78 -4.72
CA VAL A 169 0.32 -17.08 -5.11
C VAL A 169 -0.74 -17.88 -5.84
N LEU A 170 -1.96 -17.91 -5.30
CA LEU A 170 -3.05 -18.62 -5.97
C LEU A 170 -3.37 -17.98 -7.31
N GLY A 171 -3.47 -16.66 -7.35
CA GLY A 171 -3.83 -15.98 -8.58
C GLY A 171 -2.83 -16.25 -9.70
N GLN A 172 -1.56 -16.38 -9.36
CA GLN A 172 -0.53 -16.59 -10.37
C GLN A 172 -0.33 -18.06 -10.70
N LEU A 173 -0.51 -18.95 -9.73
CA LEU A 173 -0.35 -20.37 -10.00
C LEU A 173 -1.57 -20.97 -10.69
N LEU A 174 -2.72 -20.28 -10.62
CA LEU A 174 -3.87 -20.72 -11.40
C LEU A 174 -3.60 -20.59 -12.89
N VAL A 175 -2.96 -19.50 -13.31
CA VAL A 175 -2.73 -19.23 -14.72
C VAL A 175 -1.43 -19.86 -15.20
N THR A 176 -0.35 -19.71 -14.44
CA THR A 176 0.97 -20.05 -14.97
C THR A 176 1.06 -21.53 -15.34
N VAL A 177 0.51 -22.41 -14.52
CA VAL A 177 0.47 -23.83 -14.83
C VAL A 177 -0.91 -24.29 -15.29
N GLY A 178 -1.98 -23.64 -14.81
CA GLY A 178 -3.29 -23.98 -15.31
C GLY A 178 -3.53 -23.46 -16.70
N ARG A 179 -2.98 -22.28 -17.02
CA ARG A 179 -3.13 -21.66 -18.32
C ARG A 179 -4.60 -21.33 -18.62
N VAL A 180 -5.21 -20.59 -17.71
CA VAL A 180 -6.55 -20.07 -17.92
C VAL A 180 -6.45 -18.65 -18.46
N SER A 181 -7.48 -18.23 -19.18
CA SER A 181 -7.49 -16.89 -19.76
C SER A 181 -7.70 -15.84 -18.67
N PHE A 182 -7.42 -14.59 -19.02
CA PHE A 182 -7.62 -13.50 -18.07
C PHE A 182 -9.08 -13.32 -17.72
N SER A 183 -9.97 -13.48 -18.71
CA SER A 183 -11.39 -13.27 -18.45
C SER A 183 -11.91 -14.23 -17.39
N THR A 184 -11.51 -15.50 -17.46
CA THR A 184 -11.94 -16.46 -16.46
C THR A 184 -11.44 -16.08 -15.07
N LEU A 185 -10.20 -15.59 -15.00
CA LEU A 185 -9.64 -15.23 -13.71
C LEU A 185 -10.50 -14.19 -13.00
N ASN A 186 -11.11 -13.27 -13.76
CA ASN A 186 -11.93 -12.25 -13.13
C ASN A 186 -13.20 -12.85 -12.52
N TYR A 187 -13.86 -13.78 -13.22
CA TYR A 187 -15.01 -14.45 -12.62
C TYR A 187 -14.61 -15.21 -11.36
N ILE A 188 -13.49 -15.93 -11.43
CA ILE A 188 -13.09 -16.73 -10.28
C ILE A 188 -12.71 -15.82 -9.12
N SER A 189 -12.20 -14.63 -9.40
CA SER A 189 -11.94 -13.66 -8.35
C SER A 189 -13.24 -13.08 -7.80
N LEU A 190 -14.22 -12.83 -8.66
CA LEU A 190 -15.50 -12.30 -8.20
C LEU A 190 -16.19 -13.28 -7.26
N ALA A 191 -16.02 -14.58 -7.50
CA ALA A 191 -16.64 -15.55 -6.61
C ALA A 191 -16.14 -15.40 -5.17
N PHE A 192 -14.81 -15.36 -4.99
CA PHE A 192 -14.26 -15.19 -3.66
C PHE A 192 -14.58 -13.81 -3.11
N LEU A 193 -14.62 -12.80 -3.98
CA LEU A 193 -14.98 -11.47 -3.52
C LEU A 193 -16.41 -11.43 -2.99
N THR A 194 -17.28 -12.28 -3.54
CA THR A 194 -18.64 -12.39 -3.02
C THR A 194 -18.67 -13.15 -1.71
N PHE A 195 -17.89 -14.23 -1.60
CA PHE A 195 -17.80 -14.94 -0.32
C PHE A 195 -17.31 -14.01 0.77
N SER A 196 -16.37 -13.11 0.44
CA SER A 196 -15.85 -12.19 1.43
C SER A 196 -16.96 -11.32 2.02
N VAL A 197 -17.76 -10.70 1.16
CA VAL A 197 -18.84 -9.87 1.66
C VAL A 197 -19.87 -10.71 2.40
N VAL A 198 -20.15 -11.92 1.90
CA VAL A 198 -21.13 -12.77 2.55
C VAL A 198 -20.70 -13.06 3.98
N LEU A 199 -19.40 -13.29 4.19
CA LEU A 199 -18.89 -13.60 5.51
C LEU A 199 -18.55 -12.35 6.33
N ALA A 200 -18.56 -11.17 5.70
CA ALA A 200 -18.34 -9.93 6.41
C ALA A 200 -19.61 -9.38 7.04
N LEU A 201 -20.70 -10.15 7.01
CA LEU A 201 -21.99 -9.65 7.46
C LEU A 201 -22.35 -10.06 8.87
N PHE A 202 -21.72 -11.11 9.42
CA PHE A 202 -22.13 -11.66 10.71
C PHE A 202 -21.13 -11.39 11.83
N LEU A 203 -20.03 -10.72 11.55
CA LEU A 203 -19.13 -10.32 12.64
C LEU A 203 -19.83 -9.31 13.53
N LYS A 204 -19.83 -9.58 14.83
CA LYS A 204 -20.63 -8.78 15.76
C LYS A 204 -20.13 -7.34 15.80
N ARG A 205 -21.07 -6.42 15.95
CA ARG A 205 -20.75 -4.99 15.94
C ARG A 205 -19.95 -4.61 17.19
N PRO A 206 -19.01 -3.68 17.09
CA PRO A 206 -18.36 -3.17 18.30
C PRO A 206 -19.38 -2.60 19.27
N LYS A 207 -19.20 -2.93 20.55
CA LYS A 207 -20.20 -2.57 21.55
C LYS A 207 -20.27 -1.06 21.74
N ARG A 208 -19.13 -0.40 21.90
CA ARG A 208 -19.12 1.03 22.18
C ARG A 208 -17.78 1.61 21.75
N SER A 209 -17.78 2.40 20.67
CA SER A 209 -16.63 3.21 20.29
C SER A 209 -17.19 4.43 19.55
N LEU A 210 -17.39 5.51 20.31
CA LEU A 210 -17.97 6.74 19.78
C LEU A 210 -16.85 7.77 19.63
N PHE A 211 -16.23 7.78 18.45
CA PHE A 211 -15.15 8.71 18.16
C PHE A 211 -13.99 8.52 19.12
N LEU A 329 -12.35 20.27 24.93
CA LEU A 329 -11.34 19.25 24.67
C LEU A 329 -9.95 19.87 24.56
N ALA A 330 -9.46 20.46 25.66
CA ALA A 330 -8.11 21.02 25.67
C ALA A 330 -7.04 19.92 25.69
N ARG A 331 -7.41 18.70 26.05
CA ARG A 331 -6.43 17.62 26.14
C ARG A 331 -5.75 17.40 24.79
N MET A 332 -6.51 17.43 23.70
CA MET A 332 -5.91 17.22 22.39
C MET A 332 -4.90 18.30 22.07
N LEU A 333 -5.23 19.56 22.35
CA LEU A 333 -4.30 20.65 22.07
C LEU A 333 -3.03 20.50 22.90
N ARG A 334 -3.17 20.23 24.20
CA ARG A 334 -1.99 20.08 25.04
C ARG A 334 -1.12 18.92 24.57
N GLU A 335 -1.75 17.79 24.23
CA GLU A 335 -0.98 16.64 23.75
C GLU A 335 -0.24 16.97 22.46
N LEU A 336 -0.90 17.65 21.52
CA LEU A 336 -0.23 18.01 20.28
C LEU A 336 0.95 18.94 20.54
N GLY A 337 0.74 19.95 21.39
CA GLY A 337 1.81 20.87 21.69
C GLY A 337 3.02 20.16 22.29
N ASP A 338 2.78 19.29 23.26
CA ASP A 338 3.89 18.56 23.87
C ASP A 338 4.57 17.63 22.87
N SER A 339 3.77 16.96 22.02
CA SER A 339 4.34 16.00 21.09
C SER A 339 5.21 16.69 20.05
N LEU A 340 4.86 17.91 19.65
CA LEU A 340 5.59 18.58 18.58
C LEU A 340 7.05 18.85 18.94
N ARG A 341 7.39 18.87 20.24
CA ARG A 341 8.73 19.25 20.65
C ARG A 341 9.78 18.19 20.31
N ARG A 342 9.41 16.92 20.36
CA ARG A 342 10.40 15.86 20.15
C ARG A 342 10.95 15.93 18.74
N PRO A 343 12.29 15.93 18.56
CA PRO A 343 12.85 16.04 17.21
C PRO A 343 12.80 14.75 16.41
N GLN A 344 12.98 13.62 17.09
CA GLN A 344 12.90 12.34 16.42
C GLN A 344 11.55 12.20 15.71
N LEU A 345 10.48 12.64 16.37
CA LEU A 345 9.16 12.60 15.75
C LEU A 345 9.14 13.46 14.49
N ARG A 346 9.72 14.66 14.55
CA ARG A 346 9.76 15.52 13.36
C ARG A 346 10.44 14.80 12.21
N LEU A 347 11.62 14.25 12.47
CA LEU A 347 12.39 13.62 11.40
C LEU A 347 11.61 12.48 10.78
N TRP A 348 11.11 11.57 11.60
CA TRP A 348 10.44 10.41 11.05
C TRP A 348 9.12 10.79 10.37
N SER A 349 8.45 11.83 10.86
CA SER A 349 7.24 12.29 10.19
C SER A 349 7.56 12.83 8.80
N LEU A 350 8.64 13.60 8.68
CA LEU A 350 9.03 14.11 7.37
C LEU A 350 9.33 12.96 6.42
N TRP A 351 10.09 11.97 6.90
CA TRP A 351 10.38 10.82 6.06
C TRP A 351 9.10 10.12 5.64
N TRP A 352 8.17 9.94 6.57
CA TRP A 352 6.90 9.31 6.24
C TRP A 352 6.17 10.11 5.18
N VAL A 353 6.18 11.43 5.28
CA VAL A 353 5.46 12.26 4.34
C VAL A 353 6.02 12.08 2.93
N PHE A 354 7.35 12.09 2.79
CA PHE A 354 7.93 12.14 1.45
C PHE A 354 8.20 10.75 0.86
N ASN A 355 8.99 9.94 1.57
CA ASN A 355 9.40 8.66 1.00
C ASN A 355 8.21 7.77 0.72
N SER A 356 7.16 7.82 1.54
CA SER A 356 6.01 6.97 1.27
C SER A 356 5.32 7.41 0.00
N ALA A 357 5.20 8.73 -0.18
CA ALA A 357 4.56 9.27 -1.37
C ALA A 357 5.33 8.81 -2.60
N GLY A 358 6.66 8.93 -2.54
CA GLY A 358 7.51 8.52 -3.63
C GLY A 358 7.42 7.04 -3.88
N TYR A 359 7.36 6.26 -2.80
CA TYR A 359 7.28 4.80 -2.91
C TYR A 359 5.98 4.36 -3.56
N TYR A 360 4.87 4.94 -3.12
CA TYR A 360 3.56 4.57 -3.67
C TYR A 360 3.45 4.92 -5.14
N LEU A 361 4.02 6.05 -5.54
CA LEU A 361 3.98 6.45 -6.95
C LEU A 361 4.70 5.43 -7.81
N VAL A 362 5.84 4.92 -7.33
CA VAL A 362 6.58 3.91 -8.07
C VAL A 362 5.75 2.64 -8.21
N VAL A 363 5.07 2.27 -7.14
CA VAL A 363 4.22 1.08 -7.12
C VAL A 363 3.02 1.13 -8.08
N TYR A 364 2.38 2.28 -8.19
CA TYR A 364 1.23 2.41 -9.08
C TYR A 364 1.53 2.18 -10.55
N TYR A 365 2.64 2.74 -11.03
CA TYR A 365 3.00 2.64 -12.42
C TYR A 365 4.02 1.54 -12.76
N VAL A 366 4.49 0.79 -11.78
CA VAL A 366 5.48 -0.25 -12.07
C VAL A 366 4.95 -1.35 -12.98
N HIS A 367 3.70 -1.73 -12.81
CA HIS A 367 3.11 -2.77 -13.65
C HIS A 367 3.08 -2.32 -15.12
N ILE A 368 2.75 -1.06 -15.33
CA ILE A 368 2.69 -0.51 -16.68
C ILE A 368 4.08 -0.54 -17.31
N LEU A 369 5.12 -0.22 -16.52
CA LEU A 369 6.47 -0.25 -17.06
C LEU A 369 6.79 -1.67 -17.48
N TRP A 370 6.43 -2.62 -16.63
CA TRP A 370 6.67 -4.02 -16.95
C TRP A 370 6.02 -4.39 -18.26
N ASN A 371 4.77 -3.97 -18.46
CA ASN A 371 4.10 -4.27 -19.72
C ASN A 371 4.84 -3.62 -20.89
N GLU A 372 5.35 -2.41 -20.68
CA GLU A 372 6.08 -1.74 -21.75
C GLU A 372 7.35 -2.50 -22.11
N VAL A 373 8.04 -3.04 -21.12
CA VAL A 373 9.32 -3.70 -21.38
C VAL A 373 9.13 -4.89 -22.30
N ASP A 374 8.10 -5.70 -22.05
CA ASP A 374 7.88 -6.91 -22.83
C ASP A 374 6.40 -7.16 -23.04
N PRO A 375 5.88 -7.03 -24.26
CA PRO A 375 4.47 -7.37 -24.49
C PRO A 375 4.25 -8.87 -24.32
N THR A 376 3.03 -9.23 -23.95
CA THR A 376 2.70 -10.63 -23.66
C THR A 376 2.70 -11.42 -24.95
N THR A 377 3.79 -12.14 -25.20
CA THR A 377 3.79 -13.13 -26.28
C THR A 377 2.79 -14.24 -25.98
N ASN A 378 2.74 -14.68 -24.73
CA ASN A 378 1.73 -15.62 -24.25
C ASN A 378 1.17 -15.09 -22.94
N SER A 379 -0.09 -15.46 -22.66
CA SER A 379 -0.72 -15.01 -21.43
C SER A 379 -0.13 -15.68 -20.19
N ALA A 380 0.67 -16.73 -20.37
CA ALA A 380 1.24 -17.45 -19.25
C ALA A 380 2.65 -17.02 -18.89
N ARG A 381 3.43 -16.53 -19.86
CA ARG A 381 4.79 -16.10 -19.56
C ARG A 381 4.82 -14.93 -18.59
N VAL A 382 3.70 -14.24 -18.42
CA VAL A 382 3.67 -13.12 -17.48
C VAL A 382 3.76 -13.65 -16.06
N TYR A 383 4.65 -13.05 -15.27
CA TYR A 383 4.87 -13.46 -13.87
C TYR A 383 4.61 -12.30 -12.93
N ASN A 384 3.58 -11.50 -13.20
CA ASN A 384 3.29 -10.37 -12.32
C ASN A 384 2.94 -10.84 -10.92
N GLY A 385 2.14 -11.89 -10.80
CA GLY A 385 1.77 -12.36 -9.49
C GLY A 385 2.94 -12.92 -8.70
N ALA A 386 3.87 -13.58 -9.38
CA ALA A 386 5.04 -14.12 -8.70
C ALA A 386 5.85 -13.00 -8.05
N ALA A 387 5.99 -11.88 -8.76
CA ALA A 387 6.71 -10.74 -8.19
C ALA A 387 6.01 -10.22 -6.94
N ASP A 388 4.69 -10.14 -6.97
CA ASP A 388 3.96 -9.65 -5.80
C ASP A 388 4.12 -10.59 -4.62
N ALA A 389 4.03 -11.90 -4.87
CA ALA A 389 4.20 -12.86 -3.78
C ALA A 389 5.61 -12.78 -3.19
N ALA A 390 6.62 -12.69 -4.05
CA ALA A 390 7.99 -12.57 -3.56
C ALA A 390 8.18 -11.29 -2.78
N SER A 391 7.58 -10.19 -3.24
CA SER A 391 7.68 -8.93 -2.51
C SER A 391 7.03 -9.04 -1.14
N THR A 392 5.88 -9.68 -1.06
CA THR A 392 5.23 -9.85 0.23
C THR A 392 6.10 -10.66 1.16
N LEU A 393 6.68 -11.76 0.66
CA LEU A 393 7.52 -12.59 1.52
C LEU A 393 8.74 -11.83 2.00
N LEU A 394 9.40 -11.10 1.10
CA LEU A 394 10.57 -10.34 1.50
C LEU A 394 10.22 -9.25 2.50
N GLY A 395 9.09 -8.58 2.28
CA GLY A 395 8.66 -7.56 3.23
C GLY A 395 8.40 -8.15 4.60
N ALA A 396 7.75 -9.31 4.66
CA ALA A 396 7.51 -9.95 5.94
C ALA A 396 8.82 -10.30 6.63
N ILE A 397 9.73 -10.97 5.91
CA ILE A 397 10.95 -11.44 6.55
C ILE A 397 11.81 -10.27 7.00
N THR A 398 11.82 -9.18 6.22
CA THR A 398 12.64 -8.03 6.61
C THR A 398 11.99 -7.23 7.73
N SER A 399 10.65 -7.15 7.75
CA SER A 399 9.99 -6.49 8.87
C SER A 399 10.24 -7.25 10.17
N PHE A 400 10.23 -8.59 10.10
CA PHE A 400 10.58 -9.36 11.29
C PHE A 400 11.99 -9.01 11.77
N ALA A 401 12.92 -8.79 10.83
CA ALA A 401 14.27 -8.42 11.21
C ALA A 401 14.30 -7.04 11.86
N ALA A 402 13.49 -6.11 11.36
CA ALA A 402 13.52 -4.74 11.86
C ALA A 402 13.29 -4.70 13.36
N GLY A 403 12.26 -5.41 13.84
CA GLY A 403 11.92 -5.37 15.24
C GLY A 403 13.05 -5.76 16.16
N PHE A 404 14.00 -6.55 15.67
CA PHE A 404 15.11 -7.00 16.50
C PHE A 404 16.18 -5.95 16.71
N VAL A 405 16.15 -4.86 15.94
CA VAL A 405 17.16 -3.81 16.07
C VAL A 405 16.51 -2.43 16.15
N LYS A 406 15.26 -2.38 16.60
CA LYS A 406 14.56 -1.11 16.67
C LYS A 406 15.25 -0.14 17.62
N ILE A 407 15.74 -0.65 18.75
CA ILE A 407 16.38 0.21 19.76
C ILE A 407 17.88 0.34 19.50
N ARG A 408 18.53 -0.75 19.08
CA ARG A 408 19.99 -0.75 19.00
C ARG A 408 20.49 0.29 18.00
N TRP A 409 19.82 0.42 16.85
CA TRP A 409 20.23 1.33 15.81
C TRP A 409 19.58 2.70 15.92
N ALA A 410 18.84 2.96 16.99
CA ALA A 410 18.24 4.27 17.18
C ALA A 410 19.26 5.34 17.55
N ARG A 411 20.49 4.94 17.89
CA ARG A 411 21.51 5.93 18.22
C ARG A 411 21.77 6.87 17.04
N TRP A 412 21.86 6.32 15.83
CA TRP A 412 21.94 7.12 14.61
C TRP A 412 20.81 6.67 13.69
N SER A 413 19.95 7.61 13.31
CA SER A 413 18.85 7.33 12.40
C SER A 413 19.02 7.99 11.04
N LYS A 414 19.61 9.19 11.00
CA LYS A 414 19.76 9.88 9.73
C LYS A 414 20.64 9.09 8.77
N LEU A 415 21.71 8.48 9.29
CA LEU A 415 22.58 7.69 8.42
C LEU A 415 21.82 6.51 7.83
N LEU A 416 21.02 5.83 8.64
CA LEU A 416 20.24 4.71 8.13
C LEU A 416 19.26 5.18 7.07
N ILE A 417 18.60 6.32 7.30
CA ILE A 417 17.67 6.85 6.31
C ILE A 417 18.39 7.13 5.01
N ALA A 418 19.56 7.78 5.10
CA ALA A 418 20.31 8.12 3.90
C ALA A 418 20.70 6.88 3.13
N GLY A 419 21.20 5.86 3.83
CA GLY A 419 21.62 4.64 3.14
C GLY A 419 20.45 3.94 2.46
N VAL A 420 19.34 3.79 3.17
CA VAL A 420 18.19 3.11 2.60
C VAL A 420 17.65 3.87 1.40
N THR A 421 17.57 5.20 1.51
CA THR A 421 17.07 5.98 0.39
C THR A 421 18.03 5.94 -0.79
N ALA A 422 19.34 5.89 -0.54
CA ALA A 422 20.29 5.76 -1.63
C ALA A 422 20.12 4.44 -2.37
N THR A 423 19.95 3.35 -1.63
CA THR A 423 19.72 2.06 -2.28
C THR A 423 18.43 2.09 -3.07
N GLN A 424 17.38 2.69 -2.52
CA GLN A 424 16.12 2.80 -3.26
C GLN A 424 16.31 3.60 -4.55
N ALA A 425 17.08 4.69 -4.48
CA ALA A 425 17.32 5.50 -5.67
C ALA A 425 18.06 4.69 -6.73
N GLY A 426 19.06 3.94 -6.32
CA GLY A 426 19.78 3.11 -7.28
C GLY A 426 18.88 2.08 -7.93
N LEU A 427 18.06 1.40 -7.14
CA LEU A 427 17.15 0.41 -7.71
C LEU A 427 16.16 1.05 -8.66
N VAL A 428 15.64 2.23 -8.30
CA VAL A 428 14.68 2.90 -9.17
C VAL A 428 15.33 3.28 -10.49
N PHE A 429 16.56 3.79 -10.44
CA PHE A 429 17.25 4.10 -11.69
C PHE A 429 17.43 2.85 -12.54
N LEU A 430 17.84 1.74 -11.92
CA LEU A 430 18.04 0.51 -12.67
C LEU A 430 16.74 0.07 -13.33
N LEU A 431 15.62 0.15 -12.60
CA LEU A 431 14.33 -0.14 -13.20
C LEU A 431 14.06 0.77 -14.37
N ALA A 432 14.39 2.05 -14.24
CA ALA A 432 14.13 3.01 -15.31
C ALA A 432 14.94 2.70 -16.56
N HIS A 433 16.15 2.18 -16.40
CA HIS A 433 17.04 1.98 -17.55
C HIS A 433 17.06 0.54 -18.06
N THR A 434 16.20 -0.33 -17.54
CA THR A 434 16.13 -1.71 -18.01
C THR A 434 15.15 -1.79 -19.18
N ARG A 435 15.66 -2.22 -20.34
CA ARG A 435 14.85 -2.15 -21.56
C ARG A 435 14.81 -3.46 -22.33
N HIS A 436 15.87 -4.25 -22.26
CA HIS A 436 15.97 -5.43 -23.11
C HIS A 436 14.89 -6.45 -22.75
N PRO A 437 14.26 -7.11 -23.73
CA PRO A 437 13.26 -8.11 -23.38
C PRO A 437 13.79 -9.24 -22.52
N SER A 438 15.03 -9.66 -22.75
CA SER A 438 15.63 -10.77 -22.02
C SER A 438 16.09 -10.39 -20.61
N SER A 439 15.73 -9.20 -20.14
CA SER A 439 16.09 -8.77 -18.80
C SER A 439 14.87 -8.56 -17.91
N ILE A 440 13.72 -9.11 -18.29
CA ILE A 440 12.51 -8.90 -17.52
C ILE A 440 12.63 -9.54 -16.14
N TRP A 441 13.23 -10.73 -16.07
CA TRP A 441 13.50 -11.35 -14.77
C TRP A 441 14.28 -10.40 -13.87
N LEU A 442 15.27 -9.71 -14.45
CA LEU A 442 16.03 -8.73 -13.69
C LEU A 442 15.12 -7.61 -13.19
N CYS A 443 14.16 -7.19 -14.00
CA CYS A 443 13.25 -6.13 -13.57
C CYS A 443 12.40 -6.60 -12.40
N TYR A 444 11.92 -7.84 -12.45
CA TYR A 444 11.17 -8.38 -11.31
C TYR A 444 12.03 -8.39 -10.06
N ALA A 445 13.28 -8.83 -10.20
CA ALA A 445 14.18 -8.86 -9.04
C ALA A 445 14.38 -7.45 -8.47
N ALA A 446 14.57 -6.48 -9.35
CA ALA A 446 14.78 -5.11 -8.89
C ALA A 446 13.56 -4.61 -8.13
N PHE A 447 12.37 -4.88 -8.65
CA PHE A 447 11.17 -4.38 -7.97
C PHE A 447 10.98 -5.04 -6.62
N VAL A 448 11.20 -6.36 -6.54
CA VAL A 448 11.03 -7.04 -5.27
C VAL A 448 12.03 -6.49 -4.26
N LEU A 449 13.27 -6.28 -4.68
CA LEU A 449 14.26 -5.69 -3.78
C LEU A 449 13.83 -4.32 -3.32
N PHE A 450 13.33 -3.52 -4.24
CA PHE A 450 12.88 -2.16 -3.94
C PHE A 450 11.76 -2.17 -2.92
N ARG A 451 10.74 -2.99 -3.16
CA ARG A 451 9.61 -3.06 -2.24
C ARG A 451 10.04 -3.56 -0.86
N GLY A 452 10.93 -4.55 -0.84
CA GLY A 452 11.42 -5.10 0.40
C GLY A 452 12.18 -4.06 1.21
N SER A 453 13.06 -3.34 0.53
CA SER A 453 13.85 -2.30 1.17
C SER A 453 12.95 -1.26 1.81
N TYR A 454 11.90 -0.84 1.11
CA TYR A 454 10.98 0.12 1.72
C TYR A 454 10.27 -0.50 2.91
N GLN A 455 9.88 -1.77 2.81
CA GLN A 455 9.15 -2.39 3.90
C GLN A 455 9.99 -2.46 5.16
N PHE A 456 11.29 -2.75 5.01
CA PHE A 456 12.17 -2.85 6.17
C PHE A 456 12.15 -1.58 7.01
N LEU A 457 11.92 -0.43 6.39
CA LEU A 457 12.01 0.84 7.06
C LEU A 457 10.68 1.34 7.62
N VAL A 458 9.59 0.59 7.43
CA VAL A 458 8.30 1.01 7.93
C VAL A 458 8.21 0.72 9.43
N PRO A 459 8.55 -0.50 9.89
CA PRO A 459 8.41 -0.78 11.33
C PRO A 459 9.18 0.18 12.20
N ILE A 460 10.39 0.57 11.79
CA ILE A 460 11.18 1.49 12.60
C ILE A 460 10.47 2.83 12.71
N ALA A 461 9.95 3.33 11.59
CA ALA A 461 9.23 4.59 11.62
C ALA A 461 8.03 4.52 12.53
N THR A 462 7.24 3.44 12.41
CA THR A 462 6.05 3.32 13.24
C THR A 462 6.42 3.26 14.71
N PHE A 463 7.45 2.48 15.04
CA PHE A 463 7.86 2.37 16.44
C PHE A 463 8.32 3.70 16.99
N GLN A 464 9.14 4.44 16.23
CA GLN A 464 9.64 5.71 16.73
C GLN A 464 8.52 6.73 16.87
N ILE A 465 7.54 6.71 15.97
CA ILE A 465 6.44 7.65 16.05
C ILE A 465 5.54 7.33 17.23
N ALA A 466 5.20 6.05 17.40
CA ALA A 466 4.11 5.68 18.30
C ALA A 466 4.45 5.99 19.76
N SER A 467 5.71 5.79 20.16
CA SER A 467 6.03 5.79 21.58
C SER A 467 5.69 7.10 22.28
N SER A 468 5.54 8.19 21.53
CA SER A 468 5.37 9.50 22.15
C SER A 468 4.11 9.56 23.02
N LEU A 469 2.98 9.10 22.48
CA LEU A 469 1.70 9.25 23.18
C LEU A 469 0.85 8.01 22.96
N SER A 470 -0.15 7.86 23.82
CA SER A 470 -0.98 6.67 23.85
C SER A 470 -1.77 6.52 22.54
N LYS A 471 -2.44 5.37 22.41
CA LYS A 471 -3.17 5.06 21.19
C LYS A 471 -4.29 6.05 20.90
N GLU A 472 -4.74 6.80 21.91
CA GLU A 472 -5.84 7.73 21.68
C GLU A 472 -5.48 8.76 20.62
N LEU A 473 -4.24 9.26 20.66
CA LEU A 473 -3.80 10.29 19.73
C LEU A 473 -2.92 9.76 18.62
N CYS A 474 -2.45 8.52 18.73
CA CYS A 474 -1.63 7.94 17.68
C CYS A 474 -2.41 7.84 16.37
N ALA A 475 -3.69 7.47 16.45
CA ALA A 475 -4.50 7.39 15.25
C ALA A 475 -4.61 8.75 14.57
N LEU A 476 -4.83 9.81 15.35
CA LEU A 476 -4.91 11.14 14.77
C LEU A 476 -3.61 11.55 14.10
N VAL A 477 -2.49 11.28 14.76
CA VAL A 477 -1.20 11.65 14.19
C VAL A 477 -0.98 10.93 12.87
N PHE A 478 -1.23 9.63 12.86
CA PHE A 478 -1.05 8.86 11.63
C PHE A 478 -1.99 9.35 10.54
N GLY A 479 -3.22 9.67 10.90
CA GLY A 479 -4.15 10.17 9.89
C GLY A 479 -3.68 11.45 9.27
N VAL A 480 -3.23 12.41 10.09
CA VAL A 480 -2.76 13.68 9.54
C VAL A 480 -1.55 13.44 8.65
N ASN A 481 -0.60 12.66 9.17
CA ASN A 481 0.68 12.34 8.47
C ASN A 481 0.34 11.71 7.14
N THR A 482 -0.56 10.72 7.12
CA THR A 482 -0.98 10.02 5.88
C THR A 482 -1.69 11.03 4.97
N PHE A 483 -2.50 11.92 5.52
CA PHE A 483 -3.21 12.96 4.73
C PHE A 483 -2.17 13.87 4.07
N PHE A 484 -1.09 14.26 4.77
CA PHE A 484 0.00 15.08 4.20
C PHE A 484 0.75 14.27 3.14
N ALA A 485 0.91 12.96 3.33
CA ALA A 485 1.59 12.04 2.39
C ALA A 485 0.69 11.80 1.18
N THR A 486 -0.60 12.17 1.24
CA THR A 486 -1.59 12.05 0.13
C THR A 486 -1.68 13.37 -0.66
N ILE A 487 -1.45 14.53 -0.04
CA ILE A 487 -1.46 15.84 -0.69
C ILE A 487 -0.18 16.02 -1.50
N VAL A 488 0.96 15.63 -0.94
CA VAL A 488 2.22 15.75 -1.65
C VAL A 488 2.15 14.83 -2.87
N LYS A 489 1.57 13.53 -2.63
CA LYS A 489 1.50 12.68 -3.81
C LYS A 489 0.58 13.29 -4.86
N THR A 490 -0.55 13.87 -4.43
CA THR A 490 -1.48 14.43 -5.38
C THR A 490 -0.89 15.56 -6.20
N ILE A 491 -0.15 16.45 -5.56
CA ILE A 491 0.48 17.56 -6.29
C ILE A 491 1.51 17.03 -7.26
N ILE A 492 2.36 16.09 -6.85
CA ILE A 492 3.45 15.55 -7.72
C ILE A 492 2.81 14.90 -8.95
N THR A 493 1.94 13.89 -8.76
CA THR A 493 1.37 13.06 -9.85
C THR A 493 0.64 13.93 -10.88
N PHE A 494 -0.13 14.93 -10.46
CA PHE A 494 -0.90 15.76 -11.41
C PHE A 494 0.11 16.44 -12.33
N ILE A 495 1.21 16.94 -11.77
CA ILE A 495 2.28 17.63 -12.55
C ILE A 495 3.04 16.66 -13.46
N VAL A 496 3.41 15.45 -13.02
CA VAL A 496 4.32 14.55 -13.80
C VAL A 496 3.60 13.37 -14.48
N SER A 497 2.28 13.21 -14.39
CA SER A 497 1.57 12.02 -14.93
C SER A 497 0.34 12.39 -15.76
N ASP A 498 -0.63 13.14 -15.22
CA ASP A 498 -1.86 13.43 -15.93
C ASP A 498 -1.64 14.53 -16.97
N VAL A 499 -2.52 14.54 -17.97
CA VAL A 499 -2.52 15.59 -18.97
C VAL A 499 -2.86 16.88 -18.25
N ARG A 500 -2.70 18.02 -18.92
CA ARG A 500 -2.76 19.33 -18.25
C ARG A 500 -1.53 19.49 -17.36
N GLY A 501 -0.37 19.28 -17.96
CA GLY A 501 0.89 19.27 -17.24
C GLY A 501 1.96 18.71 -18.13
N LEU A 502 2.98 18.10 -17.50
CA LEU A 502 4.01 17.44 -18.30
C LEU A 502 3.44 16.24 -19.03
N GLY A 503 2.74 15.37 -18.33
CA GLY A 503 2.13 14.20 -18.96
C GLY A 503 3.13 13.27 -19.60
N LEU A 504 4.23 12.99 -18.91
CA LEU A 504 5.29 12.19 -19.50
C LEU A 504 4.90 10.71 -19.58
N PRO A 505 5.42 9.98 -20.56
CA PRO A 505 5.22 8.53 -20.58
C PRO A 505 5.88 7.85 -19.38
N VAL A 506 5.81 6.53 -19.30
CA VAL A 506 6.25 5.83 -18.10
C VAL A 506 7.76 5.95 -17.92
N ARG A 507 8.53 5.79 -19.01
CA ARG A 507 9.98 5.75 -18.88
C ARG A 507 10.53 7.05 -18.31
N LYS A 508 10.18 8.18 -18.91
CA LYS A 508 10.67 9.45 -18.43
C LYS A 508 10.13 9.76 -17.04
N GLN A 509 8.92 9.29 -16.74
CA GLN A 509 8.38 9.47 -15.40
C GLN A 509 9.22 8.74 -14.37
N PHE A 510 9.65 7.52 -14.69
CA PHE A 510 10.53 6.80 -13.76
C PHE A 510 11.89 7.46 -13.66
N GLN A 511 12.39 8.05 -14.75
CA GLN A 511 13.65 8.80 -14.63
C GLN A 511 13.49 9.96 -13.64
N LEU A 512 12.37 10.68 -13.72
CA LEU A 512 12.13 11.76 -12.78
C LEU A 512 12.00 11.24 -11.36
N TYR A 513 11.34 10.10 -11.17
CA TYR A 513 11.24 9.53 -9.83
C TYR A 513 12.61 9.13 -9.29
N SER A 514 13.49 8.61 -10.14
CA SER A 514 14.84 8.28 -9.69
C SER A 514 15.57 9.53 -9.22
N VAL A 515 15.46 10.62 -10.00
CA VAL A 515 16.09 11.87 -9.57
C VAL A 515 15.51 12.33 -8.24
N TYR A 516 14.19 12.17 -8.07
CA TYR A 516 13.53 12.58 -6.83
C TYR A 516 14.09 11.82 -5.63
N PHE A 517 14.19 10.49 -5.74
CA PHE A 517 14.73 9.70 -4.65
C PHE A 517 16.18 10.07 -4.37
N LEU A 518 16.96 10.31 -5.42
CA LEU A 518 18.35 10.68 -5.20
C LEU A 518 18.46 12.01 -4.48
N ILE A 519 17.58 12.96 -4.80
CA ILE A 519 17.58 14.24 -4.09
C ILE A 519 17.24 14.05 -2.62
N LEU A 520 16.24 13.21 -2.32
CA LEU A 520 15.93 12.93 -0.93
C LEU A 520 17.14 12.33 -0.22
N SER A 521 17.81 11.39 -0.86
CA SER A 521 19.00 10.80 -0.25
C SER A 521 20.05 11.85 0.03
N ILE A 522 20.26 12.77 -0.91
CA ILE A 522 21.25 13.82 -0.70
C ILE A 522 20.88 14.65 0.52
N ILE A 523 19.60 15.05 0.62
CA ILE A 523 19.18 15.89 1.73
C ILE A 523 19.46 15.20 3.05
N TYR A 524 19.07 13.93 3.15
CA TYR A 524 19.24 13.24 4.43
C TYR A 524 20.71 12.98 4.73
N PHE A 525 21.52 12.71 3.71
CA PHE A 525 22.95 12.53 3.92
C PHE A 525 23.57 13.81 4.45
N LEU A 526 23.16 14.96 3.90
CA LEU A 526 23.69 16.23 4.39
C LEU A 526 23.23 16.51 5.82
N GLY A 527 21.98 16.20 6.14
CA GLY A 527 21.55 16.33 7.52
C GLY A 527 22.38 15.49 8.46
N ALA A 528 22.67 14.25 8.06
CA ALA A 528 23.53 13.40 8.87
C ALA A 528 24.92 14.00 9.00
N MET A 529 25.44 14.58 7.93
CA MET A 529 26.76 15.21 8.00
C MET A 529 26.76 16.34 9.01
N LEU A 530 25.70 17.15 9.02
CA LEU A 530 25.60 18.23 10.00
C LEU A 530 25.58 17.66 11.41
N ASP A 531 24.73 16.66 11.65
CA ASP A 531 24.66 16.08 12.99
C ASP A 531 26.03 15.56 13.42
N GLY A 532 26.74 14.89 12.53
CA GLY A 532 28.08 14.43 12.87
C GLY A 532 29.02 15.58 13.20
N LEU A 533 28.96 16.65 12.41
CA LEU A 533 29.74 17.84 12.72
C LEU A 533 29.45 18.30 14.14
N ARG A 534 28.20 18.13 14.58
CA ARG A 534 27.89 18.42 15.99
C ARG A 534 28.58 17.44 16.92
N HIS A 535 28.55 16.14 16.59
CA HIS A 535 29.12 15.13 17.47
C HIS A 535 30.65 15.09 17.40
N CYS A 536 31.24 15.50 16.27
CA CYS A 536 32.69 15.48 16.16
C CYS A 536 33.32 16.42 17.18
N GLN A 537 32.75 17.62 17.33
CA GLN A 537 33.28 18.61 18.27
C GLN A 537 32.74 18.35 19.67
#